data_8R9S
#
_entry.id   8R9S
#
_cell.length_a   40.294
_cell.length_b   145.584
_cell.length_c   66.833
_cell.angle_alpha   90.00
_cell.angle_beta   95.70
_cell.angle_gamma   90.00
#
_symmetry.space_group_name_H-M   'P 1 21 1'
#
loop_
_entity.id
_entity.type
_entity.pdbx_description
1 polymer 'Cyclin-dependent kinase 7'
2 non-polymer 3,6,9,12,15,18,21,24,27,30,33,36,39-TRIDECAOXAHENTETRACONTANE-1,41-DIOL
3 non-polymer DI(HYDROXYETHYL)ETHER
4 non-polymer '[(3S)-1-[4-(dimethylamino)butanoyl]pyrrolidin-3-yl] 4-[(5-methyl-3-propan-2-yl-pyrazolo[1,5-a]pyrimidin-7-yl)amino]piperidine-1-carboxylate'
5 water water
#
_entity_poly.entity_id   1
_entity_poly.type   'polypeptide(L)'
_entity_poly.pdbx_seq_one_letter_code
;MSYYHHHHHHDYDIPTTENLYFQGSMALDVKSRAKRYEKLDFLGEGQFATVYKARDKNTNQIVAIKKIKLGHRSEAKDGI
NRTALREIKLLQELSHPNIIGLLDAFGHKSNISLVFDFMETDLEVIIKDNSLVLTPSHIKAYMLMTLQGLEYLHQHRILH
RDLKPNNLLLDENGVLKLADFGLAKSFGDPNRAYEHQVVTRWYRAPELLFGARMYGVGVDMWAVGCILAELLLRVPFLPG
DSDLDQLTRIFETLGTPTEEQWPDMCSLPDYVTFKSFPGIPLHHIFSAAGDDLLDLIQGLFLFNPCARITATQALKMKYF
SNRPGPTPGCQLPRPNCPVETLKEQSNPALAIKRKRTEALEQGGLPKKLIF
;
_entity_poly.pdbx_strand_id   A,B
#
# COMPACT_ATOMS: atom_id res chain seq x y z
N ARG A 33 26.88 12.93 17.44
CA ARG A 33 25.38 12.98 17.20
C ARG A 33 24.82 11.56 17.04
N ALA A 34 25.69 10.54 17.00
CA ALA A 34 25.31 9.12 16.99
C ALA A 34 24.94 8.61 18.41
N LYS A 35 25.93 8.48 19.29
CA LYS A 35 25.70 7.99 20.66
C LYS A 35 25.12 9.11 21.53
N ARG A 36 25.35 10.35 21.08
CA ARG A 36 24.89 11.60 21.69
C ARG A 36 23.52 11.41 22.37
N TYR A 37 22.58 10.78 21.68
CA TYR A 37 21.20 10.75 22.20
C TYR A 37 20.92 9.37 22.80
N GLU A 38 20.35 9.41 24.00
CA GLU A 38 20.03 8.26 24.79
C GLU A 38 18.52 8.02 24.67
N LYS A 39 18.17 6.76 24.48
CA LYS A 39 16.82 6.41 24.00
C LYS A 39 15.83 6.46 25.16
N LEU A 40 14.73 7.14 24.93
CA LEU A 40 13.61 7.06 25.80
C LEU A 40 12.50 6.33 25.03
N ASP A 41 11.24 6.67 25.31
CA ASP A 41 10.06 5.94 24.84
C ASP A 41 10.01 5.80 23.33
N PHE A 42 9.34 4.75 22.88
CA PHE A 42 9.01 4.60 21.48
C PHE A 42 7.87 5.59 21.16
N LEU A 43 7.81 6.08 19.93
CA LEU A 43 6.81 7.08 19.53
C LEU A 43 6.06 6.65 18.26
N GLY A 44 6.65 5.85 17.38
CA GLY A 44 5.91 5.38 16.23
C GLY A 44 6.80 4.60 15.30
N GLU A 45 6.35 3.41 14.93
CA GLU A 45 6.85 2.77 13.74
C GLU A 45 6.31 3.59 12.57
N GLY A 46 6.82 3.31 11.38
CA GLY A 46 6.36 4.08 10.25
C GLY A 46 6.36 3.32 8.94
N GLN A 47 6.31 4.20 7.93
CA GLN A 47 6.10 3.86 6.52
C GLN A 47 7.40 3.14 6.09
N PHE A 48 8.52 3.88 6.16
CA PHE A 48 9.90 3.30 6.18
C PHE A 48 10.74 4.04 7.23
N ALA A 49 10.12 4.29 8.40
CA ALA A 49 10.67 5.14 9.44
C ALA A 49 10.19 4.71 10.84
N THR A 50 11.07 4.79 11.83
CA THR A 50 10.73 4.67 13.26
C THR A 50 11.02 6.01 13.96
N VAL A 51 10.34 6.28 15.10
CA VAL A 51 10.47 7.56 15.80
C VAL A 51 10.66 7.31 17.31
N TYR A 52 11.70 7.92 17.88
CA TYR A 52 11.98 7.74 19.30
C TYR A 52 12.09 9.08 20.03
N LYS A 53 11.47 9.10 21.18
CA LYS A 53 11.83 10.01 22.22
C LYS A 53 13.28 9.70 22.63
N ALA A 54 14.14 10.71 22.65
CA ALA A 54 15.49 10.56 23.19
C ALA A 54 15.91 11.83 23.94
N ARG A 55 16.97 11.66 24.74
CA ARG A 55 17.51 12.77 25.52
C ARG A 55 18.91 13.10 24.97
N ASP A 56 19.05 14.31 24.44
CA ASP A 56 20.37 14.83 24.09
C ASP A 56 21.25 14.75 25.34
N LYS A 57 22.35 13.98 25.27
CA LYS A 57 23.22 13.77 26.43
C LYS A 57 24.17 14.96 26.64
N ASN A 58 23.86 16.10 26.02
CA ASN A 58 24.56 17.33 26.30
C ASN A 58 23.51 18.41 26.62
N THR A 59 22.62 18.74 25.67
CA THR A 59 21.67 19.84 25.89
C THR A 59 20.68 19.45 26.99
N ASN A 60 20.34 18.16 27.10
CA ASN A 60 19.23 17.74 27.95
C ASN A 60 17.97 18.46 27.49
N GLN A 61 17.65 18.31 26.22
CA GLN A 61 16.30 18.56 25.76
C GLN A 61 15.75 17.20 25.29
N ILE A 62 14.44 17.03 25.45
CA ILE A 62 13.81 15.87 24.88
C ILE A 62 13.68 16.14 23.37
N VAL A 63 13.91 15.09 22.58
CA VAL A 63 13.95 15.23 21.15
C VAL A 63 13.28 14.03 20.51
N ALA A 64 12.90 14.22 19.27
CA ALA A 64 12.25 13.19 18.53
C ALA A 64 13.10 12.81 17.33
N ILE A 65 13.77 11.66 17.40
CA ILE A 65 14.55 11.17 16.26
C ILE A 65 13.61 10.44 15.30
N LYS A 66 13.69 10.82 14.03
CA LYS A 66 13.13 10.05 12.93
C LYS A 66 14.26 9.18 12.38
N LYS A 67 14.18 7.88 12.63
CA LYS A 67 15.01 6.88 11.94
C LYS A 67 14.38 6.61 10.57
N ILE A 68 15.10 6.86 9.49
CA ILE A 68 14.69 6.45 8.15
C ILE A 68 15.58 5.25 7.80
N LYS A 69 15.10 4.04 8.09
CA LYS A 69 15.94 2.87 7.83
C LYS A 69 15.76 2.47 6.38
N LEU A 70 16.88 2.17 5.69
CA LEU A 70 16.89 2.10 4.24
C LEU A 70 17.82 0.99 3.71
N GLY A 71 18.02 1.06 2.38
CA GLY A 71 18.94 0.24 1.57
C GLY A 71 19.29 0.95 0.25
N HIS A 72 18.52 0.68 -0.82
CA HIS A 72 18.60 1.45 -2.09
C HIS A 72 18.06 2.86 -1.86
N ARG A 73 18.70 3.86 -2.49
CA ARG A 73 18.52 5.27 -2.17
C ARG A 73 18.91 5.47 -0.71
N ASN A 81 20.87 8.51 -0.14
CA ASN A 81 19.56 8.21 0.41
C ASN A 81 18.52 9.14 -0.23
N ARG A 82 18.37 9.06 -1.55
CA ARG A 82 17.96 10.18 -2.42
C ARG A 82 16.73 10.93 -1.87
N THR A 83 15.63 10.23 -1.58
CA THR A 83 14.38 10.88 -1.12
C THR A 83 14.55 11.37 0.32
N ALA A 84 15.30 10.59 1.09
CA ALA A 84 15.52 10.90 2.47
C ALA A 84 16.60 11.98 2.62
N LEU A 85 17.44 12.20 1.62
CA LEU A 85 18.40 13.31 1.68
C LEU A 85 17.69 14.62 1.31
N ARG A 86 16.93 14.56 0.22
CA ARG A 86 16.03 15.61 -0.21
C ARG A 86 15.17 16.12 0.97
N GLU A 87 14.70 15.22 1.82
CA GLU A 87 13.89 15.65 2.94
C GLU A 87 14.69 16.65 3.79
N ILE A 88 15.82 16.21 4.33
CA ILE A 88 16.67 17.07 5.13
C ILE A 88 16.88 18.39 4.39
N LYS A 89 17.15 18.28 3.10
CA LYS A 89 17.40 19.45 2.27
C LYS A 89 16.20 20.41 2.42
N LEU A 90 15.05 19.96 1.96
CA LEU A 90 13.84 20.75 1.97
C LEU A 90 13.62 21.34 3.37
N LEU A 91 13.94 20.55 4.39
CA LEU A 91 13.67 20.94 5.76
C LEU A 91 14.54 22.15 6.12
N GLN A 92 15.85 22.00 6.05
CA GLN A 92 16.76 23.03 6.51
C GLN A 92 16.42 24.39 5.86
N GLU A 93 15.73 24.32 4.71
CA GLU A 93 15.39 25.48 3.89
C GLU A 93 14.18 26.24 4.44
N LEU A 94 13.67 25.87 5.61
CA LEU A 94 12.45 26.50 6.06
C LEU A 94 12.59 26.95 7.52
N SER A 95 12.26 28.22 7.77
CA SER A 95 12.09 28.73 9.12
C SER A 95 10.66 29.21 9.31
N HIS A 96 9.97 28.59 10.24
CA HIS A 96 8.59 28.93 10.53
C HIS A 96 8.20 28.34 11.88
N PRO A 97 7.38 29.07 12.65
CA PRO A 97 6.83 28.59 13.94
C PRO A 97 5.83 27.43 13.82
N ASN A 98 5.18 27.26 12.66
CA ASN A 98 4.29 26.11 12.39
C ASN A 98 4.92 25.15 11.37
N ILE A 99 6.23 25.00 11.41
CA ILE A 99 6.92 24.02 10.64
C ILE A 99 7.90 23.39 11.59
N ILE A 100 8.02 22.08 11.50
CA ILE A 100 8.78 21.38 12.49
C ILE A 100 10.25 21.78 12.37
N GLY A 101 10.99 21.74 13.48
CA GLY A 101 12.31 22.36 13.51
C GLY A 101 13.42 21.34 13.34
N LEU A 102 14.13 21.38 12.21
CA LEU A 102 15.16 20.39 12.00
C LEU A 102 16.40 20.78 12.80
N LEU A 103 16.76 19.93 13.75
CA LEU A 103 17.82 20.23 14.70
C LEU A 103 19.17 19.64 14.25
N ASP A 104 19.17 18.37 13.84
CA ASP A 104 20.40 17.59 13.53
C ASP A 104 20.02 16.29 12.81
N ALA A 105 20.69 15.98 11.70
CA ALA A 105 20.66 14.63 11.12
C ALA A 105 22.03 13.96 11.35
N PHE A 106 22.09 12.63 11.32
CA PHE A 106 23.34 11.92 11.64
C PHE A 106 23.28 10.44 11.21
N GLY A 107 24.41 9.74 11.33
CA GLY A 107 24.41 8.25 11.41
C GLY A 107 24.79 7.53 10.12
N HIS A 108 25.78 6.64 10.27
CA HIS A 108 26.24 5.73 9.21
C HIS A 108 25.89 4.28 9.57
N LYS A 109 25.04 3.71 8.74
CA LYS A 109 24.81 2.25 8.66
C LYS A 109 23.64 2.05 7.69
N SER A 110 22.70 1.17 8.05
CA SER A 110 21.50 0.89 7.29
C SER A 110 20.48 2.02 7.43
N ASN A 111 20.78 3.03 8.26
CA ASN A 111 19.78 3.96 8.82
C ASN A 111 20.33 5.37 8.78
N ILE A 112 19.41 6.35 8.87
CA ILE A 112 19.69 7.82 8.90
C ILE A 112 18.72 8.49 9.88
N SER A 113 19.22 9.36 10.75
CA SER A 113 18.46 9.90 11.88
C SER A 113 18.24 11.40 11.70
N LEU A 114 16.97 11.86 11.72
CA LEU A 114 16.63 13.32 11.78
C LEU A 114 16.18 13.71 13.18
N VAL A 115 16.89 14.64 13.83
CA VAL A 115 16.53 15.05 15.19
C VAL A 115 15.55 16.21 15.08
N PHE A 116 14.58 16.24 15.98
CA PHE A 116 13.57 17.30 16.03
C PHE A 116 13.18 17.59 17.48
N ASP A 117 12.65 18.80 17.70
CA ASP A 117 11.95 19.09 18.96
C ASP A 117 10.89 18.03 19.21
N PHE A 118 10.85 17.50 20.43
CA PHE A 118 9.74 16.65 20.87
C PHE A 118 8.44 17.47 20.90
N MET A 119 7.32 16.81 20.69
CA MET A 119 6.02 17.47 20.74
C MET A 119 5.08 16.66 21.62
N GLU A 120 4.19 17.37 22.33
CA GLU A 120 3.42 16.74 23.42
C GLU A 120 2.33 15.83 22.83
N THR A 121 1.55 16.29 21.83
CA THR A 121 0.53 15.46 21.16
C THR A 121 0.43 15.83 19.68
N ASP A 122 -0.36 15.04 18.96
CA ASP A 122 -0.70 15.32 17.59
C ASP A 122 -2.18 15.60 17.50
N LEU A 123 -2.59 16.20 16.41
CA LEU A 123 -3.97 16.62 16.31
C LEU A 123 -4.89 15.39 16.22
N GLU A 124 -4.34 14.27 15.77
CA GLU A 124 -5.06 13.00 15.69
C GLU A 124 -5.45 12.52 17.09
N VAL A 125 -4.51 12.33 18.01
CA VAL A 125 -4.87 11.88 19.39
C VAL A 125 -5.89 12.88 19.92
N ILE A 126 -5.59 14.17 19.77
CA ILE A 126 -6.48 15.24 20.25
C ILE A 126 -7.90 14.97 19.77
N ILE A 127 -8.07 14.39 18.60
CA ILE A 127 -9.39 14.00 18.15
C ILE A 127 -9.92 12.86 19.02
N LYS A 128 -9.19 11.76 19.06
CA LYS A 128 -9.68 10.50 19.61
C LYS A 128 -9.93 10.63 21.11
N ASP A 129 -9.13 11.43 21.80
CA ASP A 129 -9.39 11.77 23.20
C ASP A 129 -10.81 12.33 23.28
N ASN A 130 -11.66 11.54 23.91
CA ASN A 130 -13.07 11.84 24.16
C ASN A 130 -13.19 12.88 25.27
N SER A 131 -12.26 12.78 26.22
CA SER A 131 -12.10 13.72 27.31
C SER A 131 -12.37 15.14 26.82
N LEU A 132 -11.87 15.43 25.63
CA LEU A 132 -11.91 16.77 25.06
C LEU A 132 -13.13 16.89 24.14
N VAL A 133 -13.97 17.86 24.46
CA VAL A 133 -15.03 18.28 23.54
C VAL A 133 -14.48 19.54 22.84
N LEU A 134 -14.73 19.67 21.55
CA LEU A 134 -14.11 20.71 20.77
C LEU A 134 -15.05 21.92 20.64
N THR A 135 -14.46 23.10 20.78
CA THR A 135 -15.15 24.39 20.74
C THR A 135 -14.87 25.03 19.36
N PRO A 136 -15.85 25.80 18.82
CA PRO A 136 -15.65 26.49 17.52
C PRO A 136 -14.32 27.23 17.42
N SER A 137 -13.99 27.93 18.52
CA SER A 137 -12.75 28.72 18.63
C SER A 137 -11.55 27.81 18.93
N HIS A 138 -11.76 26.54 19.24
CA HIS A 138 -10.63 25.62 19.31
C HIS A 138 -10.20 25.28 17.89
N ILE A 139 -11.19 25.10 17.02
CA ILE A 139 -10.96 24.59 15.69
C ILE A 139 -10.41 25.73 14.83
N LYS A 140 -11.02 26.90 14.96
CA LYS A 140 -10.50 28.13 14.32
C LYS A 140 -8.99 28.27 14.59
N ALA A 141 -8.57 27.86 15.78
CA ALA A 141 -7.21 27.99 16.24
C ALA A 141 -6.32 26.93 15.61
N TYR A 142 -6.87 25.71 15.53
CA TYR A 142 -6.15 24.57 14.92
C TYR A 142 -6.02 24.83 13.42
N MET A 143 -7.07 25.33 12.80
CA MET A 143 -7.04 25.61 11.37
C MET A 143 -6.09 26.77 11.07
N LEU A 144 -6.11 27.78 11.91
CA LEU A 144 -5.31 28.95 11.69
C LEU A 144 -3.86 28.55 11.50
N MET A 145 -3.31 27.91 12.52
CA MET A 145 -1.87 27.58 12.54
C MET A 145 -1.48 26.63 11.38
N THR A 146 -2.38 25.71 11.03
CA THR A 146 -2.18 24.79 9.92
C THR A 146 -1.96 25.58 8.63
N LEU A 147 -2.81 26.57 8.42
CA LEU A 147 -2.83 27.26 7.14
C LEU A 147 -1.76 28.35 7.06
N GLN A 148 -1.19 28.73 8.18
CA GLN A 148 -0.13 29.66 8.10
C GLN A 148 1.14 28.89 7.75
N GLY A 149 1.27 27.73 8.37
CA GLY A 149 2.25 26.73 7.95
C GLY A 149 2.20 26.47 6.45
N LEU A 150 0.98 26.34 5.94
CA LEU A 150 0.77 26.01 4.54
C LEU A 150 1.09 27.20 3.63
N GLU A 151 0.52 28.37 3.93
CA GLU A 151 0.82 29.63 3.22
C GLU A 151 2.34 29.73 3.04
N TYR A 152 3.05 29.60 4.15
CA TYR A 152 4.48 29.69 4.13
C TYR A 152 5.00 28.70 3.08
N LEU A 153 4.69 27.42 3.25
CA LEU A 153 5.21 26.37 2.38
C LEU A 153 5.02 26.71 0.90
N HIS A 154 3.79 26.95 0.50
CA HIS A 154 3.48 27.12 -0.92
C HIS A 154 4.07 28.42 -1.49
N GLN A 155 4.34 29.42 -0.64
CA GLN A 155 5.12 30.60 -1.03
C GLN A 155 6.51 30.09 -1.42
N HIS A 156 7.02 29.13 -0.66
CA HIS A 156 8.34 28.59 -0.94
C HIS A 156 8.24 27.39 -1.90
N ARG A 157 7.16 27.35 -2.69
CA ARG A 157 6.97 26.36 -3.73
C ARG A 157 7.36 24.97 -3.19
N ILE A 158 6.59 24.42 -2.26
CA ILE A 158 6.76 23.04 -1.80
C ILE A 158 5.38 22.41 -1.64
N LEU A 159 5.27 21.10 -1.76
CA LEU A 159 4.05 20.39 -1.41
C LEU A 159 4.40 19.40 -0.30
N HIS A 160 3.55 19.39 0.71
CA HIS A 160 3.65 18.44 1.78
C HIS A 160 2.72 17.28 1.43
N ARG A 161 3.12 16.42 0.52
CA ARG A 161 2.09 15.66 -0.16
C ARG A 161 1.34 14.73 0.82
N ASP A 162 1.79 14.58 2.07
CA ASP A 162 1.19 13.66 3.06
C ASP A 162 0.55 14.37 4.32
N LEU A 163 -0.35 15.32 4.07
CA LEU A 163 -1.06 16.03 5.15
C LEU A 163 -2.12 15.11 5.78
N LYS A 164 -1.91 14.66 7.02
CA LYS A 164 -2.99 13.99 7.79
C LYS A 164 -2.92 14.51 9.24
N PRO A 165 -3.93 14.20 10.07
CA PRO A 165 -3.98 14.80 11.41
C PRO A 165 -2.93 14.27 12.42
N ASN A 166 -2.31 13.13 12.16
CA ASN A 166 -1.24 12.70 13.05
C ASN A 166 0.06 13.42 12.68
N ASN A 167 0.02 14.23 11.62
CA ASN A 167 1.18 14.97 11.14
C ASN A 167 1.09 16.46 11.53
N LEU A 168 0.09 16.84 12.32
CA LEU A 168 0.03 18.17 12.89
C LEU A 168 0.27 18.02 14.40
N LEU A 169 1.49 18.32 14.80
CA LEU A 169 1.92 18.15 16.16
C LEU A 169 1.69 19.45 16.95
N LEU A 170 1.78 19.35 18.27
CA LEU A 170 1.39 20.40 19.17
C LEU A 170 2.30 20.32 20.39
N ASP A 171 2.82 21.47 20.77
CA ASP A 171 3.74 21.54 21.88
C ASP A 171 3.04 21.91 23.19
N GLU A 172 3.86 22.14 24.21
CA GLU A 172 3.51 22.63 25.54
C GLU A 172 2.43 23.71 25.45
N ASN A 173 2.60 24.62 24.51
CA ASN A 173 1.88 25.87 24.47
C ASN A 173 0.97 25.88 23.25
N GLY A 174 0.50 24.71 22.84
CA GLY A 174 -0.53 24.56 21.83
C GLY A 174 -0.14 25.20 20.52
N VAL A 175 1.16 25.09 20.19
CA VAL A 175 1.67 25.56 18.92
C VAL A 175 1.79 24.38 17.95
N LEU A 176 0.95 24.41 16.91
CA LEU A 176 0.83 23.36 15.91
C LEU A 176 1.94 23.51 14.87
N LYS A 177 2.34 22.38 14.31
CA LYS A 177 3.47 22.33 13.41
C LYS A 177 3.22 21.22 12.39
N LEU A 178 3.46 21.46 11.10
CA LEU A 178 3.44 20.36 10.14
C LEU A 178 4.75 19.57 10.31
N ALA A 179 4.69 18.33 9.83
CA ALA A 179 5.74 17.37 9.99
C ALA A 179 5.48 16.21 9.01
N ASP A 180 6.32 15.20 9.10
CA ASP A 180 6.43 14.16 8.06
C ASP A 180 6.51 14.68 6.61
N PHE A 181 7.71 15.18 6.36
CA PHE A 181 8.08 15.79 5.10
C PHE A 181 8.71 14.77 4.15
N GLY A 182 8.78 13.49 4.53
CA GLY A 182 9.32 12.43 3.66
C GLY A 182 8.59 12.32 2.32
N LEU A 183 7.38 12.80 2.27
CA LEU A 183 6.66 13.02 1.05
C LEU A 183 6.47 14.52 0.93
N ALA A 184 7.27 15.11 0.04
CA ALA A 184 7.25 16.56 -0.18
C ALA A 184 8.22 16.91 -1.33
N LYS A 185 7.66 17.38 -2.44
CA LYS A 185 8.45 17.73 -3.61
C LYS A 185 8.44 19.26 -3.68
N SER A 186 9.38 19.83 -4.41
CA SER A 186 9.37 21.27 -4.59
C SER A 186 8.60 21.57 -5.86
N PHE A 187 7.30 21.67 -5.71
CA PHE A 187 6.37 21.99 -6.80
C PHE A 187 6.80 21.19 -8.05
N GLN A 197 -2.24 10.07 -5.70
CA GLN A 197 -2.09 8.73 -5.18
C GLN A 197 -0.78 8.72 -4.38
N VAL A 198 -0.70 9.59 -3.37
CA VAL A 198 0.43 9.59 -2.43
C VAL A 198 -0.09 9.68 -0.98
N VAL A 199 -1.03 10.61 -0.65
CA VAL A 199 -1.61 10.67 0.74
C VAL A 199 -2.32 9.35 1.05
N THR A 200 -2.77 9.18 2.29
CA THR A 200 -3.31 7.91 2.80
C THR A 200 -4.82 7.80 2.58
N ARG A 201 -5.19 7.82 1.32
CA ARG A 201 -6.52 7.48 0.79
C ARG A 201 -7.66 8.35 1.34
N TRP A 202 -7.79 8.52 2.65
CA TRP A 202 -8.92 9.29 3.16
C TRP A 202 -8.75 10.76 2.82
N TYR A 203 -7.50 11.24 2.84
CA TYR A 203 -7.19 12.66 2.62
C TYR A 203 -6.63 12.86 1.20
N ARG A 204 -6.85 11.88 0.33
CA ARG A 204 -6.37 12.02 -1.01
C ARG A 204 -7.41 12.77 -1.82
N ALA A 205 -6.97 13.90 -2.37
CA ALA A 205 -7.76 14.65 -3.32
C ALA A 205 -8.08 13.72 -4.47
N PRO A 206 -9.22 13.92 -5.14
CA PRO A 206 -9.70 13.14 -6.29
C PRO A 206 -8.76 13.09 -7.50
N GLU A 207 -8.41 14.23 -8.04
CA GLU A 207 -7.47 14.31 -9.15
C GLU A 207 -6.40 13.23 -8.97
N LEU A 208 -5.87 13.07 -7.76
CA LEU A 208 -4.83 12.09 -7.48
C LEU A 208 -5.39 10.67 -7.61
N LEU A 209 -6.50 10.41 -6.94
CA LEU A 209 -7.18 9.12 -7.02
C LEU A 209 -7.41 8.74 -8.49
N PHE A 210 -7.73 9.74 -9.30
CA PHE A 210 -7.81 9.59 -10.77
C PHE A 210 -6.45 9.70 -11.44
N GLY A 211 -5.40 9.36 -10.73
CA GLY A 211 -4.08 9.18 -11.32
C GLY A 211 -3.55 10.41 -12.05
N ALA A 212 -3.77 11.61 -11.52
CA ALA A 212 -3.17 12.80 -12.11
C ALA A 212 -1.66 12.78 -11.85
N ARG A 213 -0.88 13.11 -12.88
CA ARG A 213 0.58 13.02 -12.83
C ARG A 213 1.17 14.38 -12.46
N MET A 214 0.64 15.38 -13.17
CA MET A 214 0.97 16.76 -12.91
C MET A 214 -0.20 17.35 -12.10
N TYR A 215 0.16 17.76 -10.88
CA TYR A 215 -0.79 18.19 -9.92
C TYR A 215 -0.20 19.34 -9.10
N GLY A 216 -1.08 20.17 -8.56
CA GLY A 216 -0.68 21.43 -7.95
C GLY A 216 -0.96 21.47 -6.45
N VAL A 217 -1.22 22.66 -5.94
CA VAL A 217 -1.32 22.92 -4.48
C VAL A 217 -2.72 22.51 -3.97
N GLY A 218 -3.68 22.35 -4.87
CA GLY A 218 -5.05 21.90 -4.48
C GLY A 218 -5.06 20.51 -3.84
N VAL A 219 -3.92 19.81 -3.94
CA VAL A 219 -3.68 18.53 -3.28
C VAL A 219 -3.64 18.73 -1.75
N ASP A 220 -2.86 19.71 -1.31
CA ASP A 220 -2.68 19.97 0.10
C ASP A 220 -3.96 20.49 0.71
N MET A 221 -4.78 21.11 -0.13
CA MET A 221 -5.97 21.78 0.31
C MET A 221 -7.10 20.76 0.54
N TRP A 222 -7.25 19.81 -0.36
CA TRP A 222 -8.20 18.73 -0.12
C TRP A 222 -7.96 18.15 1.29
N ALA A 223 -6.70 17.80 1.57
CA ALA A 223 -6.35 17.23 2.86
C ALA A 223 -6.85 18.14 3.98
N VAL A 224 -6.44 19.41 3.94
CA VAL A 224 -6.82 20.36 4.98
C VAL A 224 -8.33 20.36 5.16
N GLY A 225 -9.06 20.28 4.05
CA GLY A 225 -10.50 20.11 4.13
C GLY A 225 -10.90 18.82 4.84
N CYS A 226 -10.23 17.71 4.54
CA CYS A 226 -10.58 16.46 5.18
C CYS A 226 -10.33 16.55 6.69
N ILE A 227 -9.26 17.24 7.04
CA ILE A 227 -8.86 17.37 8.41
C ILE A 227 -9.87 18.23 9.17
N LEU A 228 -10.44 19.25 8.53
CA LEU A 228 -11.45 20.13 9.14
C LEU A 228 -12.75 19.37 9.43
N ALA A 229 -13.26 18.64 8.46
CA ALA A 229 -14.39 17.76 8.66
C ALA A 229 -14.08 16.80 9.82
N GLU A 230 -12.94 16.15 9.73
CA GLU A 230 -12.57 15.22 10.77
C GLU A 230 -12.53 15.97 12.09
N LEU A 231 -12.03 17.19 12.09
CA LEU A 231 -12.02 17.97 13.34
C LEU A 231 -13.47 18.20 13.76
N LEU A 232 -14.33 18.63 12.85
CA LEU A 232 -15.71 18.90 13.23
C LEU A 232 -16.38 17.61 13.73
N LEU A 233 -16.31 16.55 12.93
CA LEU A 233 -17.13 15.38 13.14
C LEU A 233 -16.44 14.46 14.11
N ARG A 234 -15.15 14.68 14.33
CA ARG A 234 -14.35 13.87 15.24
C ARG A 234 -14.21 12.44 14.74
N VAL A 235 -14.44 12.19 13.44
CA VAL A 235 -14.21 10.90 12.81
C VAL A 235 -13.80 11.14 11.35
N PRO A 236 -12.94 10.25 10.81
CA PRO A 236 -12.56 10.33 9.41
C PRO A 236 -13.80 10.58 8.56
N PHE A 237 -13.71 11.60 7.71
CA PHE A 237 -14.85 12.08 6.97
C PHE A 237 -15.23 11.07 5.88
N LEU A 238 -14.24 10.65 5.08
CA LEU A 238 -14.44 9.83 3.88
C LEU A 238 -13.52 8.60 3.95
N PRO A 239 -13.86 7.65 4.80
CA PRO A 239 -12.94 6.55 5.04
C PRO A 239 -13.12 5.38 4.06
N GLY A 240 -12.62 5.52 2.84
CA GLY A 240 -12.68 4.44 1.83
C GLY A 240 -11.96 3.17 2.25
N ASP A 241 -12.49 2.02 1.80
CA ASP A 241 -11.78 0.74 1.91
C ASP A 241 -10.86 0.44 0.70
N SER A 242 -11.00 1.24 -0.36
CA SER A 242 -10.19 1.08 -1.53
C SER A 242 -10.12 2.43 -2.27
N ASP A 243 -9.10 2.62 -3.09
CA ASP A 243 -9.05 3.79 -3.95
C ASP A 243 -10.42 3.95 -4.63
N LEU A 244 -10.84 2.90 -5.31
CA LEU A 244 -12.14 2.88 -5.98
C LEU A 244 -13.26 3.32 -5.03
N ASP A 245 -13.26 2.80 -3.81
CA ASP A 245 -14.27 3.18 -2.84
C ASP A 245 -14.05 4.56 -2.25
N GLN A 246 -12.83 5.06 -2.31
CA GLN A 246 -12.58 6.39 -1.80
C GLN A 246 -13.24 7.41 -2.73
N LEU A 247 -13.34 7.08 -4.01
CA LEU A 247 -13.99 7.98 -4.93
C LEU A 247 -15.49 7.89 -4.71
N THR A 248 -15.99 6.68 -4.51
CA THR A 248 -17.42 6.47 -4.26
C THR A 248 -17.87 7.33 -3.08
N ARG A 249 -17.05 7.32 -2.04
CA ARG A 249 -17.36 8.07 -0.85
C ARG A 249 -17.42 9.57 -1.20
N ILE A 250 -16.33 10.07 -1.74
CA ILE A 250 -16.23 11.46 -2.17
C ILE A 250 -17.50 11.87 -2.93
N PHE A 251 -17.85 11.17 -3.99
CA PHE A 251 -18.96 11.60 -4.84
C PHE A 251 -20.31 11.47 -4.11
N GLU A 252 -20.57 10.35 -3.45
CA GLU A 252 -21.90 10.16 -2.89
C GLU A 252 -22.14 11.25 -1.83
N THR A 253 -21.08 11.60 -1.10
CA THR A 253 -21.11 12.63 -0.06
C THR A 253 -21.28 14.04 -0.63
N LEU A 254 -20.44 14.38 -1.61
CA LEU A 254 -20.28 15.73 -2.18
C LEU A 254 -20.93 15.85 -3.57
N GLY A 255 -21.53 14.77 -4.05
CA GLY A 255 -22.09 14.74 -5.38
C GLY A 255 -21.01 14.48 -6.42
N THR A 256 -21.34 13.65 -7.40
CA THR A 256 -20.55 13.48 -8.59
C THR A 256 -20.51 14.81 -9.35
N PRO A 257 -19.34 15.16 -9.91
CA PRO A 257 -19.10 16.46 -10.58
C PRO A 257 -19.37 16.53 -12.10
N THR A 258 -19.81 17.73 -12.53
CA THR A 258 -20.01 18.06 -13.93
C THR A 258 -18.66 18.39 -14.59
N GLU A 259 -18.70 18.50 -15.91
CA GLU A 259 -17.61 19.04 -16.73
C GLU A 259 -17.57 20.56 -16.56
N GLU A 260 -18.67 21.14 -16.10
CA GLU A 260 -18.66 22.54 -15.66
C GLU A 260 -17.93 22.59 -14.32
N GLN A 261 -18.42 21.81 -13.36
CA GLN A 261 -17.82 21.76 -12.04
C GLN A 261 -16.35 21.34 -12.19
N TRP A 262 -16.03 20.55 -13.22
CA TRP A 262 -14.66 20.08 -13.45
C TRP A 262 -14.40 19.77 -14.92
N PRO A 263 -13.97 20.77 -15.70
CA PRO A 263 -13.53 20.45 -17.06
C PRO A 263 -12.18 19.73 -16.97
N ASP A 264 -11.82 18.99 -18.01
CA ASP A 264 -10.57 18.23 -18.01
C ASP A 264 -10.54 17.15 -16.90
N MET A 265 -11.73 16.72 -16.46
CA MET A 265 -11.82 15.63 -15.52
C MET A 265 -11.52 14.32 -16.26
N CYS A 266 -12.07 14.14 -17.45
CA CYS A 266 -12.07 12.84 -18.18
C CYS A 266 -10.73 12.56 -18.87
N SER A 267 -9.93 13.61 -18.94
CA SER A 267 -8.61 13.60 -19.49
C SER A 267 -7.60 13.09 -18.47
N LEU A 268 -8.03 12.80 -17.26
CA LEU A 268 -7.14 12.21 -16.28
C LEU A 268 -6.86 10.76 -16.69
N PRO A 269 -5.65 10.25 -16.41
CA PRO A 269 -5.23 8.91 -16.86
C PRO A 269 -6.11 7.76 -16.34
N ASP A 270 -6.48 7.79 -15.07
CA ASP A 270 -7.32 6.75 -14.48
C ASP A 270 -8.79 7.17 -14.41
N TYR A 271 -9.24 8.13 -15.19
CA TYR A 271 -10.64 8.54 -15.06
C TYR A 271 -11.56 7.37 -15.41
N VAL A 272 -12.65 7.26 -14.64
CA VAL A 272 -13.59 6.16 -14.81
C VAL A 272 -14.98 6.61 -14.32
N THR A 273 -16.00 6.20 -15.08
CA THR A 273 -17.35 6.73 -14.95
C THR A 273 -18.08 6.08 -13.76
N PHE A 274 -18.16 6.81 -12.64
CA PHE A 274 -18.95 6.40 -11.49
C PHE A 274 -20.42 6.79 -11.71
N LYS A 275 -21.30 6.16 -10.94
CA LYS A 275 -22.72 6.51 -10.84
C LYS A 275 -22.86 7.97 -10.41
N SER A 276 -23.90 8.64 -10.88
CA SER A 276 -24.13 10.04 -10.53
C SER A 276 -24.99 10.14 -9.26
N PHE A 277 -24.36 10.56 -8.16
CA PHE A 277 -25.04 10.84 -6.89
C PHE A 277 -25.32 12.34 -6.79
N PRO A 278 -26.35 12.74 -6.02
CA PRO A 278 -26.65 14.16 -5.99
C PRO A 278 -25.66 14.92 -5.09
N GLY A 279 -25.19 14.27 -4.03
CA GLY A 279 -24.43 14.93 -2.97
C GLY A 279 -25.29 15.20 -1.75
N ILE A 280 -24.64 15.63 -0.68
CA ILE A 280 -25.30 15.99 0.57
C ILE A 280 -24.96 17.45 0.92
N PRO A 281 -25.98 18.24 1.30
CA PRO A 281 -25.79 19.62 1.73
C PRO A 281 -24.86 19.70 2.94
N LEU A 282 -24.00 20.68 3.02
CA LEU A 282 -22.98 20.64 4.05
C LEU A 282 -23.60 20.87 5.43
N HIS A 283 -24.65 21.67 5.52
CA HIS A 283 -25.36 21.93 6.79
C HIS A 283 -26.18 20.71 7.25
N HIS A 284 -26.28 19.66 6.44
CA HIS A 284 -26.75 18.37 6.92
C HIS A 284 -25.60 17.64 7.62
N ILE A 285 -24.45 17.64 6.96
CA ILE A 285 -23.27 16.96 7.44
C ILE A 285 -22.72 17.70 8.65
N PHE A 286 -22.74 19.01 8.53
CA PHE A 286 -22.28 19.91 9.56
C PHE A 286 -23.47 20.76 10.01
N SER A 287 -24.42 20.10 10.66
CA SER A 287 -25.51 20.78 11.38
C SER A 287 -24.90 21.81 12.35
N ALA A 288 -23.65 21.50 12.75
CA ALA A 288 -22.70 22.35 13.48
C ALA A 288 -22.53 23.72 12.81
N ALA A 289 -21.96 23.74 11.60
CA ALA A 289 -21.21 24.90 11.11
C ALA A 289 -22.13 26.10 10.81
N GLY A 290 -21.63 27.28 11.22
CA GLY A 290 -22.14 28.56 10.78
C GLY A 290 -21.70 28.88 9.37
N ASP A 291 -22.38 29.82 8.73
CA ASP A 291 -22.22 30.10 7.30
C ASP A 291 -20.82 30.54 6.91
N ASP A 292 -20.11 31.23 7.82
CA ASP A 292 -18.72 31.62 7.57
C ASP A 292 -17.86 30.38 7.40
N LEU A 293 -18.14 29.34 8.18
CA LEU A 293 -17.38 28.11 8.17
C LEU A 293 -17.79 27.23 7.00
N LEU A 294 -19.09 27.08 6.79
CA LEU A 294 -19.59 26.31 5.66
C LEU A 294 -18.94 26.78 4.36
N ASP A 295 -18.93 28.10 4.16
CA ASP A 295 -18.34 28.73 2.99
C ASP A 295 -16.92 28.29 2.75
N LEU A 296 -16.17 28.18 3.83
CA LEU A 296 -14.77 27.80 3.80
C LEU A 296 -14.63 26.34 3.39
N ILE A 297 -15.33 25.47 4.11
CA ILE A 297 -15.26 24.03 3.84
C ILE A 297 -15.61 23.77 2.37
N GLN A 298 -16.73 24.34 1.93
CA GLN A 298 -17.26 24.14 0.58
C GLN A 298 -16.21 24.56 -0.47
N GLY A 299 -15.40 25.56 -0.17
CA GLY A 299 -14.38 26.02 -1.09
C GLY A 299 -13.17 25.10 -1.10
N LEU A 300 -12.93 24.46 0.04
CA LEU A 300 -11.79 23.57 0.16
C LEU A 300 -12.10 22.26 -0.55
N PHE A 301 -13.38 21.97 -0.74
CA PHE A 301 -13.81 20.69 -1.27
C PHE A 301 -14.48 20.93 -2.62
N LEU A 302 -13.98 21.95 -3.31
CA LEU A 302 -14.31 22.15 -4.70
C LEU A 302 -13.57 21.06 -5.49
N PHE A 303 -14.19 20.58 -6.55
CA PHE A 303 -13.61 19.52 -7.34
C PHE A 303 -12.54 20.07 -8.30
N ASN A 304 -12.84 21.12 -9.05
CA ASN A 304 -11.86 21.70 -10.02
C ASN A 304 -10.66 22.27 -9.25
N PRO A 305 -9.48 21.66 -9.41
CA PRO A 305 -8.31 21.99 -8.58
C PRO A 305 -7.67 23.37 -8.77
N CYS A 306 -7.91 24.08 -9.89
CA CYS A 306 -7.50 25.51 -10.06
C CYS A 306 -8.57 26.47 -9.53
N ALA A 307 -9.74 25.91 -9.27
CA ALA A 307 -10.83 26.61 -8.64
C ALA A 307 -10.92 26.15 -7.19
N ARG A 308 -9.88 25.54 -6.68
CA ARG A 308 -9.92 25.20 -5.30
C ARG A 308 -9.28 26.33 -4.52
N ILE A 309 -9.92 26.70 -3.43
CA ILE A 309 -9.48 27.80 -2.59
C ILE A 309 -8.08 27.52 -2.04
N THR A 310 -7.14 28.44 -2.28
CA THR A 310 -5.77 28.33 -1.79
C THR A 310 -5.74 28.64 -0.28
N ALA A 311 -4.62 28.33 0.37
CA ALA A 311 -4.40 28.68 1.77
C ALA A 311 -4.69 30.17 1.98
N THR A 312 -4.11 31.03 1.15
CA THR A 312 -4.26 32.46 1.34
C THR A 312 -5.71 32.85 1.13
N GLN A 313 -6.31 32.48 0.00
CA GLN A 313 -7.73 32.72 -0.28
C GLN A 313 -8.57 32.36 0.97
N ALA A 314 -8.14 31.31 1.67
CA ALA A 314 -8.84 30.76 2.83
C ALA A 314 -8.53 31.56 4.10
N LEU A 315 -7.27 31.89 4.33
CA LEU A 315 -6.88 32.74 5.47
C LEU A 315 -7.49 34.14 5.29
N LYS A 316 -7.63 34.62 4.05
CA LYS A 316 -8.31 35.90 3.76
C LYS A 316 -9.84 35.70 3.69
N MET A 317 -10.44 35.08 4.70
CA MET A 317 -11.89 34.83 4.66
C MET A 317 -12.53 35.25 5.98
N LYS A 318 -13.77 35.72 5.90
CA LYS A 318 -14.55 36.13 7.05
C LYS A 318 -14.24 35.20 8.22
N TYR A 319 -14.45 33.91 8.00
CA TYR A 319 -14.35 32.92 9.07
C TYR A 319 -13.30 33.36 10.11
N PHE A 320 -12.10 33.70 9.66
CA PHE A 320 -11.01 33.97 10.59
C PHE A 320 -11.18 35.36 11.23
N SER A 321 -11.70 36.33 10.48
CA SER A 321 -11.91 37.67 11.01
C SER A 321 -13.23 37.75 11.80
N ASN A 322 -13.96 36.65 11.93
CA ASN A 322 -15.27 36.63 12.60
C ASN A 322 -15.17 36.04 14.02
N ARG A 323 -16.03 36.51 14.90
CA ARG A 323 -16.01 36.05 16.28
C ARG A 323 -16.75 34.71 16.31
N PRO A 324 -16.29 33.72 17.08
CA PRO A 324 -15.20 33.83 18.05
C PRO A 324 -13.80 33.59 17.48
N GLY A 325 -12.84 34.41 17.86
CA GLY A 325 -11.49 34.17 17.42
C GLY A 325 -10.85 32.99 18.14
N PRO A 326 -9.67 32.57 17.65
CA PRO A 326 -8.77 31.51 18.12
C PRO A 326 -8.40 31.52 19.61
N THR A 327 -8.61 30.41 20.28
CA THR A 327 -8.04 30.16 21.58
C THR A 327 -6.52 30.29 21.51
N PRO A 328 -5.93 30.98 22.46
CA PRO A 328 -4.50 30.88 22.73
C PRO A 328 -4.06 29.43 22.88
N GLY A 329 -2.95 29.06 22.26
CA GLY A 329 -2.52 27.71 22.27
C GLY A 329 -2.41 27.14 23.68
N CYS A 330 -2.03 28.00 24.61
CA CYS A 330 -1.83 27.63 26.01
C CYS A 330 -3.14 27.16 26.65
N GLN A 331 -4.28 27.59 26.08
CA GLN A 331 -5.61 27.32 26.58
C GLN A 331 -6.28 26.31 25.64
N LEU A 332 -5.53 25.74 24.72
CA LEU A 332 -6.08 24.66 23.92
C LEU A 332 -6.03 23.38 24.76
N PRO A 333 -7.07 22.53 24.60
CA PRO A 333 -7.25 21.22 25.23
C PRO A 333 -6.00 20.34 25.24
N ARG A 334 -5.70 19.79 26.41
CA ARG A 334 -4.66 18.81 26.55
C ARG A 334 -5.24 17.51 27.14
N PRO A 335 -4.72 16.34 26.68
CA PRO A 335 -5.20 14.98 27.00
C PRO A 335 -4.57 14.35 28.26
N ASN A 336 -4.71 13.03 28.44
CA ASN A 336 -4.59 12.36 29.74
C ASN A 336 -3.13 12.09 30.17
N CYS A 337 -2.45 11.23 29.42
CA CYS A 337 -1.26 10.49 29.94
C CYS A 337 -1.48 10.06 31.41
N ALA B 34 16.24 -20.62 19.58
CA ALA B 34 16.63 -19.16 19.58
C ALA B 34 18.06 -18.99 19.06
N LYS B 35 19.05 -19.34 19.89
CA LYS B 35 20.47 -19.18 19.58
C LYS B 35 20.93 -20.27 18.58
N ARG B 36 20.17 -21.39 18.60
CA ARG B 36 20.35 -22.56 17.72
C ARG B 36 20.88 -22.13 16.34
N TYR B 37 20.26 -21.14 15.71
CA TYR B 37 20.59 -20.84 14.31
C TYR B 37 21.47 -19.58 14.24
N GLU B 38 22.50 -19.66 13.40
CA GLU B 38 23.48 -18.59 13.24
C GLU B 38 23.30 -17.96 11.86
N LYS B 39 23.30 -16.63 11.84
CA LYS B 39 22.97 -15.81 10.69
C LYS B 39 24.02 -15.90 9.58
N LEU B 40 23.54 -16.22 8.39
CA LEU B 40 24.33 -16.03 7.18
C LEU B 40 23.68 -14.88 6.39
N ASP B 41 23.73 -14.94 5.05
CA ASP B 41 23.26 -13.83 4.19
C ASP B 41 21.85 -13.35 4.45
N PHE B 42 21.60 -12.08 4.15
CA PHE B 42 20.25 -11.57 4.08
C PHE B 42 19.59 -12.12 2.79
N LEU B 43 18.27 -12.31 2.82
CA LEU B 43 17.52 -12.89 1.68
C LEU B 43 16.33 -12.02 1.28
N GLY B 44 15.73 -11.22 2.16
CA GLY B 44 14.63 -10.35 1.71
C GLY B 44 13.92 -9.68 2.87
N GLU B 45 13.49 -8.43 2.69
CA GLU B 45 12.72 -7.71 3.71
C GLU B 45 11.33 -7.39 3.14
N GLY B 46 10.59 -6.59 3.89
CA GLY B 46 9.41 -5.96 3.34
C GLY B 46 8.35 -5.74 4.40
N GLN B 47 7.17 -6.29 4.06
CA GLN B 47 5.96 -6.22 4.88
C GLN B 47 6.21 -6.93 6.22
N PHE B 48 6.71 -6.13 7.18
CA PHE B 48 6.93 -6.57 8.59
C PHE B 48 7.36 -8.04 8.63
N ALA B 49 8.32 -8.38 7.77
CA ALA B 49 9.03 -9.64 7.79
C ALA B 49 10.38 -9.47 7.08
N THR B 50 11.41 -10.05 7.70
CA THR B 50 12.75 -10.18 7.09
C THR B 50 13.06 -11.69 6.95
N VAL B 51 13.95 -12.06 6.01
CA VAL B 51 14.29 -13.46 5.77
C VAL B 51 15.82 -13.63 5.73
N TYR B 52 16.34 -14.57 6.50
CA TYR B 52 17.78 -14.80 6.53
C TYR B 52 18.12 -16.26 6.23
N LYS B 53 19.14 -16.40 5.41
CA LYS B 53 19.97 -17.57 5.37
C LYS B 53 20.60 -17.77 6.75
N ALA B 54 20.47 -18.96 7.32
CA ALA B 54 21.12 -19.28 8.59
C ALA B 54 21.54 -20.76 8.61
N ARG B 55 22.42 -21.07 9.56
CA ARG B 55 22.90 -22.43 9.74
C ARG B 55 22.40 -23.00 11.08
N ASP B 56 21.60 -24.06 10.99
CA ASP B 56 21.24 -24.83 12.17
C ASP B 56 22.53 -25.30 12.89
N LYS B 57 22.72 -24.89 14.14
CA LYS B 57 23.77 -25.45 15.02
C LYS B 57 23.31 -26.77 15.65
N ASN B 58 22.47 -27.50 14.93
CA ASN B 58 22.13 -28.88 15.29
C ASN B 58 22.46 -29.77 14.08
N THR B 59 21.69 -29.59 13.01
CA THR B 59 21.88 -30.36 11.79
C THR B 59 23.21 -29.98 11.13
N ASN B 60 23.68 -28.75 11.34
CA ASN B 60 24.72 -28.16 10.51
C ASN B 60 24.20 -28.15 9.08
N GLN B 61 23.04 -27.52 8.91
CA GLN B 61 22.37 -27.43 7.61
C GLN B 61 22.09 -25.96 7.31
N ILE B 62 21.39 -25.74 6.21
CA ILE B 62 21.15 -24.39 5.74
C ILE B 62 19.63 -24.18 5.70
N VAL B 63 19.20 -23.02 6.20
CA VAL B 63 17.78 -22.81 6.47
C VAL B 63 17.42 -21.36 6.18
N ALA B 64 16.16 -21.13 5.99
CA ALA B 64 15.66 -19.82 5.70
C ALA B 64 14.69 -19.40 6.80
N ILE B 65 15.13 -18.51 7.69
CA ILE B 65 14.25 -18.02 8.76
C ILE B 65 13.43 -16.85 8.20
N LYS B 66 12.10 -16.93 8.41
CA LYS B 66 11.22 -15.78 8.26
C LYS B 66 11.06 -15.15 9.65
N LYS B 67 11.67 -13.98 9.81
CA LYS B 67 11.47 -13.15 10.99
C LYS B 67 10.20 -12.32 10.75
N ILE B 68 9.27 -12.38 11.70
CA ILE B 68 8.09 -11.49 11.67
C ILE B 68 8.36 -10.31 12.63
N LYS B 69 8.50 -9.12 12.06
CA LYS B 69 8.60 -7.90 12.86
C LYS B 69 7.19 -7.55 13.36
N LEU B 70 7.08 -7.18 14.64
CA LEU B 70 5.84 -7.47 15.40
C LEU B 70 5.14 -6.22 15.95
N GLY B 71 3.88 -6.46 16.34
CA GLY B 71 3.03 -5.49 17.10
C GLY B 71 1.69 -6.05 17.53
N HIS B 72 0.62 -5.59 16.85
CA HIS B 72 -0.80 -5.93 17.13
C HIS B 72 -1.07 -7.40 16.77
N ARG B 73 -2.35 -7.79 16.92
CA ARG B 73 -2.89 -9.06 16.40
C ARG B 73 -2.22 -10.23 17.14
N GLY B 79 5.64 -14.21 21.15
CA GLY B 79 4.25 -14.04 21.61
C GLY B 79 3.27 -13.95 20.44
N ILE B 80 1.98 -14.13 20.75
CA ILE B 80 0.80 -14.21 19.82
C ILE B 80 0.81 -13.08 18.74
N ASN B 81 0.47 -13.44 17.50
CA ASN B 81 0.01 -12.50 16.48
C ASN B 81 -0.90 -13.25 15.50
N ARG B 82 -2.13 -12.78 15.45
CA ARG B 82 -3.28 -13.43 14.83
C ARG B 82 -2.94 -14.00 13.45
N THR B 83 -2.41 -13.16 12.54
CA THR B 83 -2.09 -13.59 11.16
C THR B 83 -0.86 -14.50 11.17
N ALA B 84 0.05 -14.20 12.08
CA ALA B 84 1.27 -14.93 12.23
C ALA B 84 1.02 -16.32 12.81
N LEU B 85 -0.03 -16.48 13.62
CA LEU B 85 -0.31 -17.80 14.20
C LEU B 85 -1.05 -18.66 13.16
N ARG B 86 -2.07 -18.07 12.56
CA ARG B 86 -2.82 -18.68 11.48
C ARG B 86 -1.88 -19.23 10.40
N GLU B 87 -0.82 -18.48 10.10
CA GLU B 87 0.08 -18.93 9.06
C GLU B 87 0.68 -20.27 9.49
N ILE B 88 1.36 -20.29 10.61
CA ILE B 88 1.95 -21.52 11.13
C ILE B 88 0.88 -22.63 11.09
N LYS B 89 -0.33 -22.29 11.49
CA LYS B 89 -1.42 -23.25 11.49
C LYS B 89 -1.52 -23.85 10.09
N LEU B 90 -1.89 -23.01 9.11
CA LEU B 90 -2.05 -23.47 7.72
C LEU B 90 -0.85 -24.32 7.32
N LEU B 91 0.32 -23.90 7.75
CA LEU B 91 1.54 -24.53 7.29
C LEU B 91 1.62 -25.95 7.83
N GLN B 92 1.63 -26.11 9.15
CA GLN B 92 1.86 -27.41 9.77
C GLN B 92 0.89 -28.46 9.21
N GLU B 93 -0.23 -27.96 8.68
CA GLU B 93 -1.34 -28.76 8.19
C GLU B 93 -1.07 -29.32 6.79
N LEU B 94 0.11 -29.13 6.24
CA LEU B 94 0.29 -29.48 4.85
C LEU B 94 1.60 -30.26 4.67
N SER B 95 1.48 -31.42 4.02
CA SER B 95 2.63 -32.18 3.56
C SER B 95 2.54 -32.32 2.05
N HIS B 96 3.55 -31.77 1.37
CA HIS B 96 3.59 -31.80 -0.07
C HIS B 96 5.01 -31.43 -0.53
N PRO B 97 5.47 -32.07 -1.61
CA PRO B 97 6.77 -31.77 -2.23
C PRO B 97 6.84 -30.38 -2.92
N ASN B 98 5.69 -29.82 -3.31
CA ASN B 98 5.64 -28.44 -3.87
C ASN B 98 4.98 -27.47 -2.88
N ILE B 99 5.18 -27.70 -1.60
CA ILE B 99 4.76 -26.77 -0.59
C ILE B 99 5.94 -26.62 0.35
N ILE B 100 6.21 -25.39 0.73
CA ILE B 100 7.40 -25.10 1.47
C ILE B 100 7.29 -25.79 2.85
N GLY B 101 8.42 -26.18 3.41
CA GLY B 101 8.42 -27.15 4.50
C GLY B 101 8.62 -26.49 5.84
N LEU B 102 7.60 -26.49 6.69
CA LEU B 102 7.75 -25.78 7.94
C LEU B 102 8.53 -26.66 8.91
N LEU B 103 9.71 -26.18 9.29
CA LEU B 103 10.65 -26.98 10.07
C LEU B 103 10.52 -26.69 11.56
N ASP B 104 10.52 -25.40 11.93
CA ASP B 104 10.52 -24.94 13.32
C ASP B 104 10.14 -23.48 13.38
N ALA B 105 9.20 -23.12 14.24
CA ALA B 105 8.99 -21.72 14.64
C ALA B 105 9.48 -21.55 16.09
N PHE B 106 9.82 -20.33 16.48
CA PHE B 106 10.38 -20.12 17.83
C PHE B 106 10.33 -18.63 18.24
N GLY B 107 10.70 -18.40 19.50
CA GLY B 107 10.96 -17.07 20.04
C GLY B 107 9.77 -16.53 20.83
N HIS B 108 9.86 -16.59 22.19
CA HIS B 108 9.08 -15.69 23.07
C HIS B 108 9.75 -14.30 23.07
N LYS B 109 9.36 -13.47 22.08
CA LYS B 109 10.13 -12.28 21.69
C LYS B 109 9.18 -11.17 21.22
N SER B 110 9.74 -10.01 20.85
CA SER B 110 9.00 -8.98 20.09
C SER B 110 8.85 -9.38 18.61
N ASN B 111 9.18 -10.65 18.31
CA ASN B 111 9.26 -11.24 16.98
C ASN B 111 8.79 -12.70 17.06
N ILE B 112 8.54 -13.29 15.87
CA ILE B 112 8.40 -14.76 15.68
C ILE B 112 9.25 -15.22 14.49
N SER B 113 9.94 -16.34 14.67
CA SER B 113 10.83 -16.87 13.65
C SER B 113 10.25 -18.16 13.09
N LEU B 114 10.04 -18.25 11.76
CA LEU B 114 9.64 -19.51 11.07
C LEU B 114 10.83 -20.08 10.30
N VAL B 115 11.29 -21.28 10.64
CA VAL B 115 12.42 -21.88 9.97
C VAL B 115 11.89 -22.69 8.78
N PHE B 116 12.65 -22.68 7.69
CA PHE B 116 12.29 -23.39 6.48
C PHE B 116 13.55 -23.90 5.79
N ASP B 117 13.35 -24.90 4.93
CA ASP B 117 14.38 -25.31 3.97
C ASP B 117 14.87 -24.09 3.20
N PHE B 118 16.18 -23.92 3.09
CA PHE B 118 16.75 -22.95 2.15
C PHE B 118 16.43 -23.38 0.72
N MET B 119 16.30 -22.41 -0.18
CA MET B 119 16.03 -22.70 -1.57
C MET B 119 17.00 -21.91 -2.45
N GLU B 120 17.42 -22.50 -3.57
CA GLU B 120 18.54 -21.99 -4.36
C GLU B 120 18.11 -20.71 -5.09
N THR B 121 16.96 -20.69 -5.79
CA THR B 121 16.44 -19.46 -6.45
C THR B 121 14.90 -19.43 -6.42
N ASP B 122 14.36 -18.32 -6.89
CA ASP B 122 12.92 -18.19 -7.07
C ASP B 122 12.62 -18.02 -8.53
N LEU B 123 11.37 -18.24 -8.91
CA LEU B 123 11.03 -18.24 -10.30
C LEU B 123 11.15 -16.82 -10.87
N GLU B 124 11.06 -15.81 -10.01
CA GLU B 124 11.22 -14.42 -10.39
C GLU B 124 12.67 -14.19 -10.89
N VAL B 125 13.71 -14.46 -10.09
CA VAL B 125 15.09 -14.25 -10.56
C VAL B 125 15.25 -15.06 -11.85
N ILE B 126 14.81 -16.32 -11.83
CA ILE B 126 14.90 -17.19 -13.00
C ILE B 126 14.37 -16.46 -14.23
N ILE B 127 13.39 -15.60 -14.08
CA ILE B 127 12.96 -14.81 -15.20
C ILE B 127 14.04 -13.78 -15.58
N LYS B 128 14.40 -12.93 -14.62
CA LYS B 128 15.24 -11.73 -14.87
C LYS B 128 16.61 -12.13 -15.45
N ASP B 129 17.15 -13.24 -14.93
CA ASP B 129 18.37 -13.84 -15.49
C ASP B 129 18.16 -14.03 -17.01
N ASN B 130 18.87 -13.21 -17.78
CA ASN B 130 18.86 -13.19 -19.25
C ASN B 130 19.63 -14.38 -19.79
N SER B 131 20.68 -14.74 -19.03
CA SER B 131 21.49 -15.92 -19.20
C SER B 131 20.64 -17.06 -19.75
N LEU B 132 19.46 -17.21 -19.14
CA LEU B 132 18.56 -18.33 -19.41
C LEU B 132 17.55 -17.96 -20.50
N VAL B 133 17.54 -18.76 -21.55
CA VAL B 133 16.51 -18.71 -22.58
C VAL B 133 15.53 -19.81 -22.24
N LEU B 134 14.23 -19.54 -22.32
CA LEU B 134 13.26 -20.49 -21.79
C LEU B 134 12.64 -21.31 -22.91
N THR B 135 12.52 -22.59 -22.59
CA THR B 135 12.11 -23.68 -23.45
C THR B 135 10.64 -24.00 -23.16
N PRO B 136 9.82 -24.32 -24.20
CA PRO B 136 8.42 -24.72 -23.94
C PRO B 136 8.29 -25.76 -22.81
N SER B 137 9.19 -26.73 -22.84
CA SER B 137 9.25 -27.81 -21.86
C SER B 137 9.88 -27.35 -20.54
N HIS B 138 10.48 -26.18 -20.49
CA HIS B 138 10.93 -25.64 -19.21
C HIS B 138 9.71 -25.08 -18.49
N ILE B 139 8.83 -24.44 -19.26
CA ILE B 139 7.70 -23.72 -18.70
C ILE B 139 6.64 -24.76 -18.27
N LYS B 140 6.39 -25.73 -19.15
CA LYS B 140 5.53 -26.87 -18.83
C LYS B 140 5.90 -27.45 -17.47
N ALA B 141 7.19 -27.44 -17.15
CA ALA B 141 7.73 -28.04 -15.95
C ALA B 141 7.48 -27.13 -14.75
N TYR B 142 7.67 -25.82 -14.97
CA TYR B 142 7.46 -24.80 -13.93
C TYR B 142 5.96 -24.73 -13.62
N MET B 143 5.13 -24.78 -14.64
CA MET B 143 3.70 -24.72 -14.43
C MET B 143 3.20 -25.99 -13.74
N LEU B 144 3.75 -27.14 -14.14
CA LEU B 144 3.29 -28.39 -13.61
C LEU B 144 3.35 -28.36 -12.09
N MET B 145 4.55 -28.12 -11.58
CA MET B 145 4.80 -28.22 -10.13
C MET B 145 3.97 -27.17 -9.35
N THR B 146 3.80 -25.99 -9.94
CA THR B 146 3.00 -24.93 -9.35
C THR B 146 1.56 -25.42 -9.11
N LEU B 147 1.01 -26.08 -10.11
CA LEU B 147 -0.40 -26.43 -10.10
C LEU B 147 -0.63 -27.73 -9.34
N GLN B 148 0.40 -28.50 -9.07
CA GLN B 148 0.18 -29.65 -8.25
C GLN B 148 0.18 -29.19 -6.79
N GLY B 149 1.08 -28.27 -6.50
CA GLY B 149 1.03 -27.51 -5.25
C GLY B 149 -0.34 -26.93 -5.00
N LEU B 150 -0.92 -26.36 -6.05
CA LEU B 150 -2.20 -25.69 -5.95
C LEU B 150 -3.35 -26.68 -5.78
N GLU B 151 -3.42 -27.69 -6.64
CA GLU B 151 -4.38 -28.80 -6.54
C GLU B 151 -4.45 -29.24 -5.07
N TYR B 152 -3.27 -29.56 -4.54
CA TYR B 152 -3.17 -29.99 -3.17
C TYR B 152 -3.87 -28.97 -2.28
N LEU B 153 -3.42 -27.71 -2.34
CA LEU B 153 -3.89 -26.68 -1.44
C LEU B 153 -5.41 -26.58 -1.45
N HIS B 154 -5.99 -26.40 -2.61
CA HIS B 154 -7.42 -26.14 -2.71
C HIS B 154 -8.25 -27.38 -2.33
N GLN B 155 -7.68 -28.59 -2.43
CA GLN B 155 -8.28 -29.81 -1.87
C GLN B 155 -8.38 -29.58 -0.36
N HIS B 156 -7.34 -28.99 0.23
CA HIS B 156 -7.33 -28.75 1.65
C HIS B 156 -7.94 -27.38 1.98
N ARG B 157 -8.79 -26.89 1.08
CA ARG B 157 -9.57 -25.67 1.29
C ARG B 157 -8.67 -24.58 1.88
N ILE B 158 -7.69 -24.10 1.12
CA ILE B 158 -6.90 -22.94 1.53
C ILE B 158 -6.74 -22.01 0.32
N LEU B 159 -6.57 -20.72 0.56
CA LEU B 159 -6.16 -19.82 -0.52
C LEU B 159 -4.81 -19.22 -0.14
N HIS B 160 -3.90 -19.23 -1.11
CA HIS B 160 -2.63 -18.58 -0.97
C HIS B 160 -2.76 -17.19 -1.55
N ARG B 161 -3.40 -16.28 -0.86
CA ARG B 161 -3.96 -15.15 -1.56
C ARG B 161 -2.86 -14.28 -2.21
N ASP B 162 -1.56 -14.54 -1.94
CA ASP B 162 -0.43 -13.73 -2.47
C ASP B 162 0.51 -14.50 -3.48
N LEU B 163 -0.07 -15.07 -4.52
CA LEU B 163 0.71 -15.84 -5.51
C LEU B 163 1.44 -14.89 -6.46
N LYS B 164 2.77 -14.84 -6.39
CA LYS B 164 3.59 -14.12 -7.39
C LYS B 164 4.84 -14.98 -7.68
N PRO B 165 5.63 -14.62 -8.72
CA PRO B 165 6.75 -15.49 -9.08
C PRO B 165 7.95 -15.48 -8.12
N ASN B 166 8.07 -14.53 -7.22
CA ASN B 166 9.14 -14.61 -6.25
C ASN B 166 8.71 -15.55 -5.11
N ASN B 167 7.47 -16.03 -5.17
CA ASN B 167 6.92 -16.93 -4.16
C ASN B 167 6.91 -18.39 -4.66
N LEU B 168 7.47 -18.66 -5.84
CA LEU B 168 7.69 -20.02 -6.28
C LEU B 168 9.20 -20.27 -6.24
N LEU B 169 9.64 -20.95 -5.19
CA LEU B 169 11.05 -21.21 -4.95
C LEU B 169 11.47 -22.54 -5.59
N LEU B 170 12.78 -22.76 -5.67
CA LEU B 170 13.34 -23.87 -6.41
C LEU B 170 14.60 -24.33 -5.69
N ASP B 171 14.70 -25.64 -5.47
CA ASP B 171 15.83 -26.22 -4.77
C ASP B 171 16.92 -26.68 -5.74
N GLU B 172 17.93 -27.36 -5.16
CA GLU B 172 19.06 -28.02 -5.84
C GLU B 172 18.62 -28.64 -7.17
N ASN B 173 17.50 -29.36 -7.10
CA ASN B 173 17.11 -30.30 -8.12
C ASN B 173 15.82 -29.81 -8.79
N GLY B 174 15.68 -28.49 -8.88
CA GLY B 174 14.65 -27.87 -9.68
C GLY B 174 13.26 -28.25 -9.23
N VAL B 175 13.09 -28.42 -7.91
CA VAL B 175 11.79 -28.71 -7.34
C VAL B 175 11.18 -27.42 -6.78
N LEU B 176 10.10 -27.00 -7.42
CA LEU B 176 9.40 -25.76 -7.13
C LEU B 176 8.45 -25.95 -5.93
N LYS B 177 8.24 -24.87 -5.20
CA LYS B 177 7.48 -24.88 -3.98
C LYS B 177 6.75 -23.54 -3.80
N LEU B 178 5.49 -23.55 -3.40
CA LEU B 178 4.86 -22.30 -2.96
C LEU B 178 5.40 -21.93 -1.58
N ALA B 179 5.31 -20.64 -1.25
CA ALA B 179 6.25 -20.06 -0.30
C ALA B 179 5.57 -19.15 0.72
N ASP B 180 5.30 -17.89 0.40
CA ASP B 180 4.93 -16.95 1.43
C ASP B 180 3.46 -17.24 1.73
N PHE B 181 3.17 -17.82 2.90
CA PHE B 181 1.79 -18.20 3.25
C PHE B 181 1.12 -17.13 4.11
N GLY B 182 1.78 -15.99 4.33
CA GLY B 182 1.31 -14.95 5.24
C GLY B 182 -0.02 -14.37 4.82
N LEU B 183 -0.38 -14.49 3.55
CA LEU B 183 -1.77 -14.27 3.12
C LEU B 183 -2.33 -15.64 2.74
N ALA B 184 -3.21 -16.14 3.60
CA ALA B 184 -3.85 -17.42 3.30
C ALA B 184 -5.04 -17.69 4.25
N LYS B 185 -6.23 -17.69 3.67
CA LYS B 185 -7.46 -17.90 4.37
C LYS B 185 -7.84 -19.38 4.25
N SER B 186 -8.67 -19.83 5.17
CA SER B 186 -9.25 -21.12 5.09
C SER B 186 -10.56 -21.01 4.32
N PHE B 187 -10.44 -20.98 3.01
CA PHE B 187 -11.57 -20.77 2.09
C PHE B 187 -12.58 -19.78 2.69
N GLN B 197 -8.20 -7.62 -3.51
CA GLN B 197 -7.33 -6.49 -3.19
C GLN B 197 -6.35 -6.94 -2.09
N VAL B 198 -5.62 -8.03 -2.33
CA VAL B 198 -4.60 -8.50 -1.37
C VAL B 198 -3.28 -8.79 -2.13
N VAL B 199 -3.32 -9.51 -3.28
CA VAL B 199 -2.08 -9.70 -4.12
C VAL B 199 -1.53 -8.33 -4.53
N THR B 200 -0.31 -8.28 -5.07
CA THR B 200 0.33 -6.98 -5.39
C THR B 200 0.04 -6.60 -6.85
N ARG B 201 -1.22 -6.29 -7.03
CA ARG B 201 -1.79 -5.52 -8.15
C ARG B 201 -1.56 -6.15 -9.53
N TRP B 202 -0.35 -6.56 -9.90
CA TRP B 202 -0.16 -7.10 -11.23
C TRP B 202 -0.83 -8.46 -11.35
N TYR B 203 -0.82 -9.23 -10.26
CA TYR B 203 -1.38 -10.59 -10.23
C TYR B 203 -2.73 -10.61 -9.52
N ARG B 204 -3.34 -9.44 -9.37
CA ARG B 204 -4.61 -9.39 -8.75
C ARG B 204 -5.67 -9.63 -9.81
N ALA B 205 -6.45 -10.67 -9.55
CA ALA B 205 -7.65 -10.94 -10.30
C ALA B 205 -8.55 -9.72 -10.22
N PRO B 206 -9.35 -9.46 -11.25
CA PRO B 206 -10.30 -8.34 -11.36
C PRO B 206 -11.36 -8.25 -10.23
N GLU B 207 -12.15 -9.30 -10.06
CA GLU B 207 -13.13 -9.35 -9.00
C GLU B 207 -12.55 -8.66 -7.76
N LEU B 208 -11.29 -8.93 -7.43
CA LEU B 208 -10.66 -8.34 -6.24
C LEU B 208 -10.48 -6.83 -6.44
N LEU B 209 -9.89 -6.45 -7.55
CA LEU B 209 -9.71 -5.05 -7.87
C LEU B 209 -11.04 -4.30 -7.77
N PHE B 210 -12.11 -4.95 -8.19
CA PHE B 210 -13.49 -4.47 -7.99
C PHE B 210 -14.00 -4.77 -6.58
N GLY B 211 -13.12 -4.89 -5.60
CA GLY B 211 -13.50 -4.94 -4.20
C GLY B 211 -14.47 -6.06 -3.86
N ALA B 212 -14.29 -7.25 -4.45
CA ALA B 212 -15.00 -8.42 -3.97
C ALA B 212 -14.46 -8.79 -2.58
N ARG B 213 -15.37 -9.10 -1.66
CA ARG B 213 -15.04 -9.45 -0.28
C ARG B 213 -15.30 -10.94 -0.08
N MET B 214 -16.37 -11.46 -0.70
CA MET B 214 -16.53 -12.91 -0.82
C MET B 214 -16.04 -13.30 -2.23
N TYR B 215 -14.96 -14.08 -2.23
CA TYR B 215 -14.25 -14.41 -3.44
C TYR B 215 -13.73 -15.84 -3.32
N GLY B 216 -13.47 -16.48 -4.46
CA GLY B 216 -13.20 -17.92 -4.50
C GLY B 216 -11.77 -18.28 -4.86
N VAL B 217 -11.59 -19.47 -5.39
CA VAL B 217 -10.25 -20.04 -5.75
C VAL B 217 -9.75 -19.43 -7.08
N GLY B 218 -10.66 -18.83 -7.86
CA GLY B 218 -10.31 -18.14 -9.10
C GLY B 218 -9.35 -16.98 -8.89
N VAL B 219 -9.15 -16.58 -7.64
CA VAL B 219 -8.15 -15.59 -7.24
C VAL B 219 -6.74 -16.15 -7.47
N ASP B 220 -6.50 -17.37 -7.00
CA ASP B 220 -5.20 -18.00 -7.11
C ASP B 220 -4.88 -18.30 -8.57
N MET B 221 -5.93 -18.49 -9.35
CA MET B 221 -5.80 -18.92 -10.72
C MET B 221 -5.41 -17.74 -11.62
N TRP B 222 -6.05 -16.60 -11.42
CA TRP B 222 -5.64 -15.40 -12.12
C TRP B 222 -4.12 -15.24 -12.01
N ALA B 223 -3.62 -15.29 -10.78
CA ALA B 223 -2.20 -15.14 -10.52
C ALA B 223 -1.42 -16.14 -11.38
N VAL B 224 -1.74 -17.42 -11.25
CA VAL B 224 -1.02 -18.46 -11.99
C VAL B 224 -1.01 -18.12 -13.48
N GLY B 225 -2.14 -17.61 -13.98
CA GLY B 225 -2.18 -17.08 -15.33
C GLY B 225 -1.20 -15.92 -15.56
N CYS B 226 -1.14 -14.99 -14.63
CA CYS B 226 -0.24 -13.87 -14.79
C CYS B 226 1.21 -14.34 -14.80
N ILE B 227 1.49 -15.35 -13.99
CA ILE B 227 2.82 -15.87 -13.85
C ILE B 227 3.22 -16.58 -15.16
N LEU B 228 2.28 -17.25 -15.81
CA LEU B 228 2.54 -17.95 -17.09
C LEU B 228 2.85 -16.96 -18.22
N ALA B 229 2.03 -15.92 -18.37
CA ALA B 229 2.34 -14.84 -19.29
C ALA B 229 3.72 -14.27 -18.97
N GLU B 230 3.95 -13.95 -17.71
CA GLU B 230 5.22 -13.40 -17.32
C GLU B 230 6.30 -14.41 -17.70
N LEU B 231 6.02 -15.69 -17.51
CA LEU B 231 7.02 -16.69 -17.91
C LEU B 231 7.20 -16.61 -19.42
N LEU B 232 6.12 -16.57 -20.18
CA LEU B 232 6.26 -16.53 -21.62
C LEU B 232 6.98 -15.25 -22.06
N LEU B 233 6.50 -14.10 -21.61
CA LEU B 233 6.91 -12.83 -22.14
C LEU B 233 8.19 -12.40 -21.43
N ARG B 234 8.48 -12.99 -20.28
CA ARG B 234 9.67 -12.69 -19.50
C ARG B 234 9.62 -11.26 -18.96
N VAL B 235 8.42 -10.67 -18.88
CA VAL B 235 8.19 -9.35 -18.26
C VAL B 235 6.78 -9.33 -17.68
N PRO B 236 6.58 -8.58 -16.57
CA PRO B 236 5.26 -8.49 -15.97
C PRO B 236 4.21 -8.27 -17.07
N PHE B 237 3.16 -9.07 -17.06
CA PHE B 237 2.18 -9.06 -18.12
C PHE B 237 1.34 -7.77 -18.05
N LEU B 238 0.77 -7.48 -16.87
CA LEU B 238 -0.19 -6.38 -16.70
C LEU B 238 0.26 -5.45 -15.57
N PRO B 239 1.27 -4.64 -15.83
CA PRO B 239 1.87 -3.86 -14.77
C PRO B 239 1.18 -2.51 -14.51
N GLY B 240 0.03 -2.51 -13.86
CA GLY B 240 -0.70 -1.27 -13.54
C GLY B 240 0.06 -0.35 -12.59
N ASP B 241 -0.17 0.95 -12.73
CA ASP B 241 0.31 2.00 -11.79
C ASP B 241 -0.64 2.24 -10.61
N SER B 242 -1.86 1.75 -10.74
CA SER B 242 -2.89 1.94 -9.75
C SER B 242 -3.90 0.79 -9.90
N ASP B 243 -4.65 0.50 -8.85
CA ASP B 243 -5.77 -0.41 -8.95
C ASP B 243 -6.58 -0.04 -10.22
N LEU B 244 -7.03 1.20 -10.26
CA LEU B 244 -7.76 1.73 -11.39
C LEU B 244 -7.05 1.41 -12.71
N ASP B 245 -5.74 1.64 -12.78
CA ASP B 245 -5.01 1.35 -14.01
C ASP B 245 -4.75 -0.13 -14.22
N GLN B 246 -4.83 -0.92 -13.15
CA GLN B 246 -4.64 -2.35 -13.30
C GLN B 246 -5.86 -2.93 -14.03
N LEU B 247 -7.00 -2.32 -13.84
CA LEU B 247 -8.18 -2.79 -14.53
C LEU B 247 -8.08 -2.35 -15.99
N THR B 248 -7.63 -1.13 -16.22
CA THR B 248 -7.50 -0.61 -17.57
C THR B 248 -6.61 -1.54 -18.39
N ARG B 249 -5.54 -1.97 -17.78
CA ARG B 249 -4.61 -2.87 -18.44
C ARG B 249 -5.31 -4.19 -18.78
N ILE B 250 -5.85 -4.83 -17.75
CA ILE B 250 -6.61 -6.06 -17.91
C ILE B 250 -7.57 -5.94 -19.09
N PHE B 251 -8.44 -4.95 -19.11
CA PHE B 251 -9.47 -4.87 -20.13
C PHE B 251 -8.86 -4.56 -21.50
N GLU B 252 -7.96 -3.59 -21.60
CA GLU B 252 -7.50 -3.19 -22.93
C GLU B 252 -6.80 -4.39 -23.59
N THR B 253 -6.10 -5.16 -22.76
CA THR B 253 -5.35 -6.34 -23.19
C THR B 253 -6.27 -7.49 -23.59
N LEU B 254 -7.23 -7.82 -22.69
CA LEU B 254 -8.12 -9.00 -22.77
C LEU B 254 -9.54 -8.63 -23.20
N GLY B 255 -9.78 -7.35 -23.46
CA GLY B 255 -11.11 -6.86 -23.78
C GLY B 255 -11.95 -6.67 -22.52
N THR B 256 -12.71 -5.58 -22.52
CA THR B 256 -13.70 -5.36 -21.49
C THR B 256 -14.80 -6.41 -21.62
N PRO B 257 -15.33 -6.90 -20.48
CA PRO B 257 -16.30 -8.02 -20.41
C PRO B 257 -17.80 -7.65 -20.44
N THR B 258 -18.60 -8.53 -21.04
CA THR B 258 -20.06 -8.43 -21.04
C THR B 258 -20.63 -8.92 -19.70
N GLU B 259 -21.93 -8.65 -19.52
CA GLU B 259 -22.76 -9.26 -18.46
C GLU B 259 -23.03 -10.74 -18.78
N GLU B 260 -22.88 -11.09 -20.05
CA GLU B 260 -22.85 -12.48 -20.45
C GLU B 260 -21.51 -13.09 -20.01
N GLN B 261 -20.43 -12.49 -20.48
CA GLN B 261 -19.10 -12.94 -20.11
C GLN B 261 -18.96 -12.92 -18.59
N TRP B 262 -19.64 -11.97 -17.95
CA TRP B 262 -19.54 -11.84 -16.50
C TRP B 262 -20.84 -11.28 -15.90
N PRO B 263 -21.80 -12.16 -15.57
CA PRO B 263 -22.93 -11.68 -14.83
C PRO B 263 -22.48 -11.42 -13.38
N ASP B 264 -23.25 -10.58 -12.69
CA ASP B 264 -22.89 -10.20 -11.33
C ASP B 264 -21.54 -9.45 -11.26
N MET B 265 -21.14 -8.84 -12.38
CA MET B 265 -19.99 -7.98 -12.41
C MET B 265 -20.34 -6.69 -11.68
N CYS B 266 -21.52 -6.12 -11.97
CA CYS B 266 -21.91 -4.75 -11.56
C CYS B 266 -22.37 -4.68 -10.10
N SER B 267 -22.62 -5.86 -9.57
CA SER B 267 -22.99 -6.06 -8.21
C SER B 267 -21.76 -6.03 -7.29
N LEU B 268 -20.56 -5.93 -7.84
CA LEU B 268 -19.38 -5.81 -7.01
C LEU B 268 -19.37 -4.43 -6.36
N PRO B 269 -18.85 -4.34 -5.12
CA PRO B 269 -18.89 -3.10 -4.34
C PRO B 269 -18.19 -1.90 -5.02
N ASP B 270 -17.00 -2.13 -5.59
CA ASP B 270 -16.26 -1.08 -6.26
C ASP B 270 -16.48 -1.06 -7.79
N TYR B 271 -17.54 -1.67 -8.30
CA TYR B 271 -17.68 -1.72 -9.75
C TYR B 271 -17.82 -0.30 -10.30
N VAL B 272 -17.18 -0.08 -11.45
CA VAL B 272 -17.17 1.22 -12.09
C VAL B 272 -16.96 1.04 -13.61
N THR B 273 -17.68 1.83 -14.39
CA THR B 273 -17.82 1.60 -15.83
C THR B 273 -16.58 2.11 -16.59
N PHE B 274 -15.72 1.17 -16.99
CA PHE B 274 -14.57 1.48 -17.81
C PHE B 274 -14.99 1.55 -19.29
N LYS B 275 -14.13 2.22 -20.06
CA LYS B 275 -14.22 2.26 -21.53
C LYS B 275 -14.17 0.84 -22.08
N SER B 276 -14.87 0.60 -23.18
CA SER B 276 -14.94 -0.73 -23.75
C SER B 276 -13.86 -0.88 -24.83
N PHE B 277 -12.85 -1.67 -24.51
CA PHE B 277 -11.77 -2.03 -25.43
C PHE B 277 -12.08 -3.38 -26.06
N PRO B 278 -11.56 -3.64 -27.27
CA PRO B 278 -11.91 -4.89 -27.92
C PRO B 278 -11.15 -6.07 -27.29
N GLY B 279 -9.92 -5.83 -26.83
CA GLY B 279 -9.04 -6.91 -26.43
C GLY B 279 -7.97 -7.15 -27.48
N ILE B 280 -7.03 -8.04 -27.16
CA ILE B 280 -5.98 -8.48 -28.08
C ILE B 280 -6.04 -10.01 -28.21
N PRO B 281 -5.95 -10.54 -29.45
CA PRO B 281 -5.89 -11.99 -29.67
C PRO B 281 -4.68 -12.62 -28.98
N LEU B 282 -4.81 -13.80 -28.41
CA LEU B 282 -3.74 -14.30 -27.58
C LEU B 282 -2.48 -14.62 -28.41
N HIS B 283 -2.70 -15.12 -29.64
CA HIS B 283 -1.58 -15.46 -30.56
C HIS B 283 -0.89 -14.20 -31.12
N HIS B 284 -1.40 -13.01 -30.84
CA HIS B 284 -0.65 -11.77 -31.05
C HIS B 284 0.31 -11.55 -29.88
N ILE B 285 -0.22 -11.71 -28.69
CA ILE B 285 0.52 -11.49 -27.46
C ILE B 285 1.55 -12.62 -27.30
N PHE B 286 1.07 -13.80 -27.60
CA PHE B 286 1.87 -14.99 -27.53
C PHE B 286 1.99 -15.57 -28.95
N SER B 287 2.69 -14.85 -29.82
CA SER B 287 3.13 -15.40 -31.12
C SER B 287 3.91 -16.70 -30.87
N ALA B 288 4.48 -16.76 -29.66
CA ALA B 288 5.06 -17.94 -28.98
C ALA B 288 4.11 -19.16 -29.02
N ALA B 289 2.99 -19.07 -28.32
CA ALA B 289 2.30 -20.24 -27.77
C ALA B 289 1.63 -21.08 -28.87
N GLY B 290 1.77 -22.40 -28.71
CA GLY B 290 0.99 -23.39 -29.42
C GLY B 290 -0.42 -23.46 -28.86
N ASP B 291 -1.32 -24.01 -29.67
CA ASP B 291 -2.75 -24.01 -29.40
C ASP B 291 -3.14 -24.70 -28.10
N ASP B 292 -2.39 -25.74 -27.72
CA ASP B 292 -2.63 -26.43 -26.44
C ASP B 292 -2.40 -25.48 -25.29
N LEU B 293 -1.42 -24.60 -25.43
CA LEU B 293 -1.06 -23.66 -24.38
C LEU B 293 -1.99 -22.46 -24.39
N LEU B 294 -2.26 -21.92 -25.56
CA LEU B 294 -3.19 -20.80 -25.69
C LEU B 294 -4.51 -21.15 -24.99
N ASP B 295 -5.03 -22.34 -25.27
CA ASP B 295 -6.29 -22.84 -24.68
C ASP B 295 -6.27 -22.77 -23.18
N LEU B 296 -5.13 -23.11 -22.61
CA LEU B 296 -4.94 -23.11 -21.16
C LEU B 296 -4.96 -21.69 -20.61
N ILE B 297 -4.12 -20.84 -21.17
CA ILE B 297 -4.00 -19.45 -20.76
C ILE B 297 -5.38 -18.79 -20.80
N GLN B 298 -6.06 -18.94 -21.92
CA GLN B 298 -7.36 -18.30 -22.16
C GLN B 298 -8.38 -18.74 -21.09
N GLY B 299 -8.26 -19.98 -20.60
CA GLY B 299 -9.14 -20.46 -19.54
C GLY B 299 -8.77 -19.90 -18.17
N LEU B 300 -7.49 -19.62 -18.00
CA LEU B 300 -7.00 -19.10 -16.74
C LEU B 300 -7.38 -17.64 -16.62
N PHE B 301 -7.62 -16.99 -17.75
CA PHE B 301 -7.85 -15.56 -17.77
C PHE B 301 -9.29 -15.33 -18.24
N LEU B 302 -10.16 -16.24 -17.86
CA LEU B 302 -11.58 -16.01 -17.99
C LEU B 302 -11.98 -14.99 -16.93
N PHE B 303 -12.92 -14.11 -17.28
CA PHE B 303 -13.37 -13.08 -16.35
C PHE B 303 -14.31 -13.67 -15.30
N ASN B 304 -15.34 -14.42 -15.72
CA ASN B 304 -16.32 -14.97 -14.76
C ASN B 304 -15.62 -15.97 -13.82
N PRO B 305 -15.52 -15.64 -12.53
CA PRO B 305 -14.68 -16.43 -11.60
C PRO B 305 -15.14 -17.84 -11.21
N CYS B 306 -16.42 -18.19 -11.43
CA CYS B 306 -16.92 -19.60 -11.29
C CYS B 306 -16.74 -20.37 -12.60
N ALA B 307 -16.48 -19.64 -13.67
CA ALA B 307 -16.17 -20.19 -14.96
C ALA B 307 -14.67 -20.07 -15.20
N ARG B 308 -13.92 -19.85 -14.14
CA ARG B 308 -12.49 -19.82 -14.33
C ARG B 308 -11.97 -21.23 -14.09
N ILE B 309 -11.08 -21.66 -14.96
CA ILE B 309 -10.54 -23.00 -14.93
C ILE B 309 -9.80 -23.25 -13.60
N THR B 310 -10.18 -24.30 -12.89
CA THR B 310 -9.53 -24.69 -11.63
C THR B 310 -8.16 -25.30 -11.92
N ALA B 311 -7.35 -25.45 -10.87
CA ALA B 311 -6.06 -26.12 -10.99
C ALA B 311 -6.24 -27.50 -11.65
N THR B 312 -7.19 -28.28 -11.16
CA THR B 312 -7.40 -29.62 -11.67
C THR B 312 -7.84 -29.56 -13.12
N GLN B 313 -8.91 -28.80 -13.41
CA GLN B 313 -9.38 -28.57 -14.80
C GLN B 313 -8.18 -28.28 -15.72
N ALA B 314 -7.19 -27.57 -15.18
CA ALA B 314 -6.02 -27.11 -15.92
C ALA B 314 -4.97 -28.23 -16.05
N LEU B 315 -4.68 -28.92 -14.96
CA LEU B 315 -3.79 -30.07 -15.00
C LEU B 315 -4.40 -31.20 -15.87
N LYS B 316 -5.72 -31.32 -15.90
CA LYS B 316 -6.42 -32.30 -16.77
C LYS B 316 -6.64 -31.68 -18.16
N MET B 317 -5.58 -31.16 -18.78
CA MET B 317 -5.72 -30.55 -20.10
C MET B 317 -4.62 -31.06 -21.03
N LYS B 318 -4.96 -31.15 -22.32
CA LYS B 318 -4.03 -31.57 -23.36
C LYS B 318 -2.61 -31.08 -23.03
N TYR B 319 -2.47 -29.77 -22.90
CA TYR B 319 -1.15 -29.16 -22.76
C TYR B 319 -0.19 -30.08 -22.03
N PHE B 320 -0.59 -30.61 -20.88
CA PHE B 320 0.32 -31.38 -20.06
C PHE B 320 0.50 -32.80 -20.63
N SER B 321 -0.55 -33.36 -21.21
CA SER B 321 -0.47 -34.70 -21.82
C SER B 321 0.15 -34.64 -23.21
N ASN B 322 0.54 -33.46 -23.69
CA ASN B 322 1.09 -33.27 -25.03
C ASN B 322 2.63 -33.13 -24.98
N ARG B 323 3.27 -33.61 -26.03
CA ARG B 323 4.69 -33.43 -26.24
C ARG B 323 4.87 -31.98 -26.70
N PRO B 324 5.88 -31.25 -26.22
CA PRO B 324 6.99 -31.77 -25.42
C PRO B 324 6.76 -31.77 -23.91
N GLY B 325 7.08 -32.87 -23.24
CA GLY B 325 6.85 -32.96 -21.82
C GLY B 325 7.90 -32.19 -21.02
N PRO B 326 7.64 -32.02 -19.72
CA PRO B 326 8.45 -31.34 -18.69
C PRO B 326 9.90 -31.81 -18.51
N THR B 327 10.79 -30.86 -18.52
CA THR B 327 12.17 -31.08 -18.12
C THR B 327 12.20 -31.58 -16.69
N PRO B 328 13.00 -32.61 -16.43
CA PRO B 328 13.40 -32.95 -15.08
C PRO B 328 14.01 -31.76 -14.34
N GLY B 329 13.62 -31.57 -13.09
CA GLY B 329 14.06 -30.42 -12.35
C GLY B 329 15.57 -30.26 -12.37
N CYS B 330 16.29 -31.38 -12.35
CA CYS B 330 17.75 -31.29 -12.27
C CYS B 330 18.34 -30.74 -13.57
N GLN B 331 17.56 -30.74 -14.65
CA GLN B 331 17.96 -30.22 -15.95
C GLN B 331 17.27 -28.87 -16.19
N LEU B 332 16.65 -28.32 -15.18
CA LEU B 332 16.10 -27.00 -15.32
C LEU B 332 17.23 -25.97 -15.14
N PRO B 333 17.14 -24.86 -15.91
CA PRO B 333 18.04 -23.73 -15.92
C PRO B 333 18.43 -23.19 -14.54
N ARG B 334 19.73 -22.95 -14.37
CA ARG B 334 20.23 -22.34 -13.14
C ARG B 334 21.07 -21.10 -13.46
N PRO B 335 21.01 -20.07 -12.60
CA PRO B 335 21.70 -18.77 -12.68
C PRO B 335 23.13 -18.77 -12.10
N ASN B 336 23.75 -17.57 -12.00
CA ASN B 336 25.24 -17.43 -12.03
C ASN B 336 25.89 -17.67 -10.66
N CYS B 337 25.58 -16.80 -9.71
CA CYS B 337 26.40 -16.62 -8.47
C CYS B 337 27.90 -16.68 -8.82
#